data_5RZ8
#
_entry.id   5RZ8
#
_cell.length_a   38.580
_cell.length_b   77.040
_cell.length_c   99.920
_cell.angle_alpha   90.000
_cell.angle_beta   90.000
_cell.angle_gamma   90.000
#
_symmetry.space_group_name_H-M   'P 21 21 21'
#
loop_
_entity.id
_entity.type
_entity.pdbx_description
1 polymer 'Isoform 2 of Band 4.1-like protein 3'
2 non-polymer 1-[(1,2-oxazol-3-yl)methyl]piperazine
3 non-polymer 'DIMETHYL SULFOXIDE'
4 non-polymer 1,2-ETHANEDIOL
5 water water
#
_entity_poly.entity_id   1
_entity_poly.type   'polypeptide(L)'
_entity_poly.pdbx_seq_one_letter_code
;SMPKSMQCKVILLDGSEYTCDVEKRSRGQVLFDKVCEHLNLLEKDYFGLTYRDAENQKNWLDPAKEIKKQVRSGAWHFSF
NVKFYPPDPAQLSEDITRYYLCLQLRDDIVSGRLPCSFVTLALLGSYTVQSELGDYDPDECGSDYISEFRFAPNHTKELE
DKVIELHKSHRGMTPAEAEMHFLENAKKLSMYGVDLHHAKDSEGVEIMLGVCASGLLIYRDRLRINRFAWPKVLKISYKR
NNFYIKIRPGEFEQFESTIGFKLPNHRAAKRLWKVCVEHHTFFRLL
;
_entity_poly.pdbx_strand_id   A
#
loop_
_chem_comp.id
_chem_comp.type
_chem_comp.name
_chem_comp.formula
DMS non-polymer 'DIMETHYL SULFOXIDE' 'C2 H6 O S'
EDO non-polymer 1,2-ETHANEDIOL 'C2 H6 O2'
WHG non-polymer 1-[(1,2-oxazol-3-yl)methyl]piperazine 'C8 H13 N3 O'
#
# COMPACT_ATOMS: atom_id res chain seq x y z
N PRO A 3 20.90 -28.66 6.23
CA PRO A 3 19.73 -28.41 5.38
C PRO A 3 20.01 -27.25 4.42
N LYS A 4 19.57 -27.35 3.17
CA LYS A 4 19.95 -26.38 2.10
C LYS A 4 19.16 -25.08 2.27
N SER A 5 19.89 -23.97 2.47
N SER A 5 19.87 -24.00 2.50
CA SER A 5 19.37 -22.58 2.66
CA SER A 5 19.28 -22.64 2.61
C SER A 5 19.36 -21.84 1.32
C SER A 5 19.17 -22.01 1.22
N MET A 6 18.41 -20.91 1.12
CA MET A 6 18.42 -19.98 -0.03
C MET A 6 18.63 -18.60 0.57
N GLN A 7 19.49 -17.80 -0.05
CA GLN A 7 19.66 -16.41 0.36
C GLN A 7 18.42 -15.62 -0.09
N CYS A 8 17.91 -14.80 0.80
CA CYS A 8 16.76 -13.92 0.53
C CYS A 8 17.25 -12.50 0.66
N LYS A 9 16.84 -11.63 -0.27
CA LYS A 9 17.11 -10.19 -0.18
C LYS A 9 15.76 -9.49 -0.14
N VAL A 10 15.65 -8.55 0.77
CA VAL A 10 14.37 -7.82 1.03
C VAL A 10 14.67 -6.34 0.96
N ILE A 11 14.02 -5.64 0.04
CA ILE A 11 14.07 -4.16 -0.04
C ILE A 11 13.17 -3.60 1.05
N LEU A 12 13.77 -2.89 1.97
CA LEU A 12 13.03 -2.32 3.13
C LEU A 12 12.42 -0.98 2.75
N LEU A 13 11.48 -0.47 3.53
CA LEU A 13 10.78 0.78 3.11
C LEU A 13 11.71 2.00 3.14
N ASP A 14 12.84 1.92 3.82
CA ASP A 14 13.82 3.04 3.80
C ASP A 14 14.77 2.85 2.60
N GLY A 15 14.53 1.85 1.73
CA GLY A 15 15.34 1.65 0.51
C GLY A 15 16.54 0.76 0.74
N SER A 16 16.83 0.45 2.00
CA SER A 16 17.98 -0.42 2.40
C SER A 16 17.60 -1.88 2.16
N GLU A 17 18.61 -2.74 2.15
CA GLU A 17 18.49 -4.19 1.84
C GLU A 17 18.72 -5.00 3.12
N TYR A 18 17.78 -5.89 3.42
CA TYR A 18 17.95 -6.93 4.47
C TYR A 18 18.26 -8.25 3.75
N THR A 19 19.26 -8.95 4.24
CA THR A 19 19.68 -10.26 3.66
C THR A 19 19.59 -11.29 4.75
N CYS A 20 19.03 -12.45 4.45
CA CYS A 20 19.04 -13.60 5.35
C CYS A 20 19.01 -14.87 4.51
N ASP A 21 19.09 -16.01 5.18
CA ASP A 21 18.97 -17.34 4.56
C ASP A 21 17.74 -17.98 5.19
N VAL A 22 16.97 -18.73 4.41
CA VAL A 22 15.90 -19.64 4.90
C VAL A 22 16.05 -21.00 4.22
N GLU A 23 15.54 -22.04 4.86
CA GLU A 23 15.55 -23.39 4.27
C GLU A 23 14.68 -23.33 3.00
N LYS A 24 15.09 -24.00 1.93
CA LYS A 24 14.48 -23.83 0.58
C LYS A 24 13.01 -24.26 0.59
N ARG A 25 12.59 -25.11 1.54
CA ARG A 25 11.18 -25.57 1.60
C ARG A 25 10.35 -24.63 2.47
N SER A 26 10.92 -23.55 2.97
CA SER A 26 10.23 -22.65 3.94
C SER A 26 8.95 -22.05 3.34
N ARG A 27 7.94 -21.93 4.22
CA ARG A 27 6.71 -21.13 4.02
C ARG A 27 7.09 -19.62 4.09
N GLY A 28 6.33 -18.75 3.42
CA GLY A 28 6.58 -17.30 3.46
C GLY A 28 6.66 -16.77 4.88
N GLN A 29 5.87 -17.30 5.81
CA GLN A 29 5.80 -16.79 7.20
C GLN A 29 7.20 -16.75 7.81
N VAL A 30 8.03 -17.73 7.45
CA VAL A 30 9.39 -17.89 8.04
C VAL A 30 10.18 -16.63 7.70
N LEU A 31 10.15 -16.23 6.43
CA LEU A 31 10.92 -15.04 5.99
C LEU A 31 10.31 -13.78 6.58
N PHE A 32 8.99 -13.67 6.55
CA PHE A 32 8.26 -12.49 7.04
C PHE A 32 8.61 -12.27 8.53
N ASP A 33 8.65 -13.35 9.32
CA ASP A 33 8.96 -13.29 10.77
C ASP A 33 10.36 -12.72 10.96
N LYS A 34 11.33 -13.16 10.16
CA LYS A 34 12.72 -12.66 10.27
C LYS A 34 12.73 -11.17 9.96
N VAL A 35 12.10 -10.77 8.86
CA VAL A 35 12.09 -9.34 8.45
C VAL A 35 11.45 -8.51 9.58
N CYS A 36 10.29 -8.91 10.08
CA CYS A 36 9.57 -8.12 11.12
C CYS A 36 10.40 -8.05 12.41
N GLU A 37 11.09 -9.14 12.76
CA GLU A 37 12.02 -9.13 13.92
C GLU A 37 13.12 -8.10 13.68
N HIS A 38 13.71 -8.11 12.50
CA HIS A 38 14.75 -7.14 12.12
C HIS A 38 14.20 -5.71 12.34
N LEU A 39 12.96 -5.48 11.94
CA LEU A 39 12.33 -4.13 11.97
C LEU A 39 11.76 -3.79 13.35
N ASN A 40 11.84 -4.69 14.33
CA ASN A 40 11.18 -4.53 15.65
C ASN A 40 9.67 -4.26 15.47
N LEU A 41 9.03 -4.95 14.52
CA LEU A 41 7.60 -4.70 14.19
C LEU A 41 6.78 -5.81 14.82
N LEU A 42 5.86 -5.44 15.72
CA LEU A 42 4.93 -6.39 16.40
C LEU A 42 3.54 -6.38 15.77
N GLU A 43 3.08 -5.25 15.23
CA GLU A 43 1.75 -5.19 14.57
C GLU A 43 1.92 -5.60 13.12
N LYS A 44 2.15 -6.89 12.91
CA LYS A 44 2.55 -7.43 11.60
C LYS A 44 1.37 -7.59 10.62
N ASP A 45 0.13 -7.58 11.10
CA ASP A 45 -1.04 -7.99 10.30
C ASP A 45 -1.27 -7.06 9.12
N TYR A 46 -0.75 -5.83 9.17
CA TYR A 46 -0.98 -4.85 8.08
C TYR A 46 0.02 -5.01 6.95
N PHE A 47 1.04 -5.86 7.12
CA PHE A 47 2.23 -5.86 6.24
C PHE A 47 2.38 -7.20 5.52
N GLY A 48 3.26 -7.22 4.51
CA GLY A 48 3.52 -8.41 3.72
C GLY A 48 4.81 -8.25 2.97
N LEU A 49 5.25 -9.32 2.37
CA LEU A 49 6.33 -9.25 1.36
C LEU A 49 5.73 -9.34 -0.04
N THR A 50 6.31 -8.62 -0.96
CA THR A 50 5.95 -8.69 -2.38
C THR A 50 7.12 -9.34 -3.10
N TYR A 51 6.81 -9.99 -4.22
CA TYR A 51 7.83 -10.45 -5.18
C TYR A 51 7.31 -10.13 -6.57
N ARG A 52 8.21 -10.19 -7.54
CA ARG A 52 7.91 -9.90 -8.95
C ARG A 52 7.85 -11.22 -9.72
N ASP A 53 6.74 -11.49 -10.42
CA ASP A 53 6.52 -12.76 -11.17
C ASP A 53 7.21 -12.63 -12.52
N ALA A 54 7.08 -13.67 -13.37
CA ALA A 54 7.82 -13.73 -14.66
C ALA A 54 7.29 -12.68 -15.64
N GLU A 55 6.11 -12.10 -15.38
CA GLU A 55 5.52 -10.99 -16.18
C GLU A 55 5.82 -9.61 -15.57
N ASN A 56 6.67 -9.55 -14.53
CA ASN A 56 7.14 -8.30 -13.87
C ASN A 56 6.07 -7.72 -12.94
N GLN A 57 5.00 -8.47 -12.67
CA GLN A 57 3.85 -7.96 -11.90
C GLN A 57 4.14 -8.21 -10.43
N LYS A 58 3.70 -7.27 -9.58
CA LYS A 58 3.80 -7.36 -8.11
C LYS A 58 2.84 -8.45 -7.61
N ASN A 59 3.34 -9.35 -6.78
CA ASN A 59 2.52 -10.41 -6.14
C ASN A 59 2.81 -10.39 -4.66
N TRP A 60 1.79 -10.61 -3.84
CA TRP A 60 1.98 -10.85 -2.40
C TRP A 60 2.53 -12.26 -2.19
N LEU A 61 3.60 -12.36 -1.44
CA LEU A 61 4.11 -13.64 -0.89
C LEU A 61 3.09 -14.13 0.14
N ASP A 62 2.44 -15.24 -0.18
CA ASP A 62 1.48 -15.85 0.75
C ASP A 62 2.29 -16.50 1.86
N PRO A 63 2.14 -16.04 3.11
CA PRO A 63 2.95 -16.58 4.22
C PRO A 63 2.63 -18.05 4.52
N ALA A 64 1.45 -18.51 4.13
CA ALA A 64 0.94 -19.87 4.39
C ALA A 64 1.35 -20.82 3.26
N LYS A 65 2.08 -20.36 2.23
CA LYS A 65 2.52 -21.23 1.10
C LYS A 65 4.03 -21.26 0.98
N GLU A 66 4.59 -22.31 0.38
CA GLU A 66 6.06 -22.41 0.22
C GLU A 66 6.57 -21.22 -0.61
N ILE A 67 7.71 -20.65 -0.22
CA ILE A 67 8.34 -19.55 -1.01
C ILE A 67 8.67 -20.08 -2.40
N LYS A 68 9.28 -21.27 -2.48
CA LYS A 68 9.73 -21.80 -3.79
C LYS A 68 8.55 -21.92 -4.78
N LYS A 69 7.35 -22.28 -4.32
CA LYS A 69 6.17 -22.51 -5.20
C LYS A 69 5.57 -21.17 -5.64
N GLN A 70 6.00 -20.06 -5.05
CA GLN A 70 5.50 -18.73 -5.43
C GLN A 70 6.51 -18.02 -6.32
N VAL A 71 7.77 -17.94 -5.93
CA VAL A 71 8.83 -17.27 -6.74
C VAL A 71 9.15 -18.13 -7.97
N ARG A 72 8.93 -19.44 -7.89
CA ARG A 72 9.09 -20.40 -9.01
C ARG A 72 10.50 -20.27 -9.59
N SER A 73 10.64 -19.75 -10.82
CA SER A 73 11.95 -19.63 -11.53
C SER A 73 12.60 -18.26 -11.29
N GLY A 74 11.99 -17.39 -10.49
CA GLY A 74 12.54 -16.05 -10.23
C GLY A 74 13.55 -16.01 -9.10
N ALA A 75 14.16 -14.84 -8.89
CA ALA A 75 15.08 -14.61 -7.76
C ALA A 75 14.29 -14.61 -6.45
N TRP A 76 14.94 -15.00 -5.36
CA TRP A 76 14.45 -14.87 -3.96
C TRP A 76 14.73 -13.45 -3.52
N HIS A 77 13.98 -12.54 -4.15
CA HIS A 77 14.10 -11.08 -3.99
C HIS A 77 12.70 -10.51 -3.71
N PHE A 78 12.59 -9.73 -2.64
CA PHE A 78 11.28 -9.30 -2.10
C PHE A 78 11.35 -7.86 -1.68
N SER A 79 10.18 -7.25 -1.54
CA SER A 79 10.03 -5.94 -0.89
C SER A 79 9.11 -6.10 0.29
N PHE A 80 9.40 -5.33 1.33
CA PHE A 80 8.54 -5.26 2.54
C PHE A 80 7.56 -4.13 2.32
N ASN A 81 6.27 -4.40 2.46
CA ASN A 81 5.24 -3.39 2.08
C ASN A 81 4.07 -3.44 3.04
N VAL A 82 3.31 -2.35 3.05
CA VAL A 82 1.98 -2.35 3.69
C VAL A 82 1.05 -3.11 2.75
N LYS A 83 0.36 -4.10 3.28
CA LYS A 83 -0.62 -4.87 2.52
C LYS A 83 -2.03 -4.33 2.76
N PHE A 84 -2.36 -4.03 4.01
CA PHE A 84 -3.71 -3.48 4.37
C PHE A 84 -3.53 -2.11 4.98
N TYR A 85 -3.98 -1.06 4.29
CA TYR A 85 -3.81 0.30 4.81
C TYR A 85 -4.94 0.55 5.81
N PRO A 86 -4.61 0.79 7.09
CA PRO A 86 -5.68 0.99 8.08
C PRO A 86 -6.41 2.30 7.83
N PRO A 87 -7.76 2.30 7.85
CA PRO A 87 -8.53 3.52 7.63
C PRO A 87 -8.30 4.54 8.72
N ASP A 88 -7.98 4.10 9.93
CA ASP A 88 -7.68 5.01 11.06
C ASP A 88 -6.38 4.62 11.72
N PRO A 89 -5.25 5.14 11.20
CA PRO A 89 -3.93 4.81 11.76
C PRO A 89 -3.76 5.17 13.25
N ALA A 90 -4.58 6.09 13.77
CA ALA A 90 -4.53 6.48 15.20
C ALA A 90 -4.83 5.29 16.10
N GLN A 91 -5.53 4.28 15.61
CA GLN A 91 -5.93 3.10 16.42
C GLN A 91 -4.85 2.02 16.40
N LEU A 92 -3.79 2.15 15.61
CA LEU A 92 -2.63 1.22 15.74
C LEU A 92 -2.06 1.38 17.14
N SER A 93 -1.57 0.30 17.73
CA SER A 93 -1.16 0.32 19.15
C SER A 93 0.26 0.91 19.25
N GLU A 94 1.10 0.80 18.20
CA GLU A 94 2.52 1.19 18.34
C GLU A 94 2.93 2.28 17.35
N ASP A 95 3.73 3.22 17.84
CA ASP A 95 4.28 4.33 17.05
C ASP A 95 5.09 3.72 15.90
N ILE A 96 5.80 2.62 16.15
CA ILE A 96 6.73 2.12 15.10
C ILE A 96 5.90 1.59 13.92
N THR A 97 4.71 1.10 14.18
CA THR A 97 3.81 0.63 13.10
C THR A 97 3.46 1.84 12.24
N ARG A 98 3.09 2.94 12.88
CA ARG A 98 2.74 4.18 12.18
C ARG A 98 3.97 4.70 11.41
N TYR A 99 5.18 4.53 11.93
CA TYR A 99 6.42 4.95 11.23
C TYR A 99 6.53 4.22 9.90
N TYR A 100 6.44 2.89 9.93
CA TYR A 100 6.56 2.07 8.70
C TYR A 100 5.45 2.43 7.73
N LEU A 101 4.23 2.68 8.24
CA LEU A 101 3.12 3.10 7.34
C LEU A 101 3.47 4.43 6.70
N CYS A 102 4.04 5.40 7.44
CA CYS A 102 4.50 6.67 6.83
C CYS A 102 5.54 6.40 5.74
N LEU A 103 6.48 5.49 6.00
CA LEU A 103 7.53 5.19 5.00
C LEU A 103 6.87 4.68 3.72
N GLN A 104 5.90 3.77 3.84
CA GLN A 104 5.20 3.25 2.65
C GLN A 104 4.48 4.39 1.91
N LEU A 105 3.74 5.23 2.64
CA LEU A 105 2.97 6.33 2.01
C LEU A 105 3.91 7.32 1.33
N ARG A 106 5.10 7.55 1.90
CA ARG A 106 6.10 8.44 1.28
C ARG A 106 6.50 7.86 -0.08
N ASP A 107 6.69 6.55 -0.19
CA ASP A 107 6.98 5.89 -1.49
C ASP A 107 5.77 5.91 -2.40
N ASP A 108 4.57 5.71 -1.88
CA ASP A 108 3.31 5.80 -2.67
C ASP A 108 3.20 7.21 -3.30
N ILE A 109 3.62 8.24 -2.56
CA ILE A 109 3.53 9.65 -3.03
C ILE A 109 4.60 9.89 -4.10
N VAL A 110 5.87 9.59 -3.81
CA VAL A 110 6.98 9.87 -4.77
C VAL A 110 6.79 9.08 -6.07
N SER A 111 6.33 7.83 -5.98
CA SER A 111 6.08 6.96 -7.15
C SER A 111 4.91 7.49 -8.01
N GLY A 112 4.09 8.39 -7.48
CA GLY A 112 2.83 8.85 -8.08
C GLY A 112 1.68 7.85 -7.98
N ARG A 113 1.83 6.74 -7.25
CA ARG A 113 0.67 5.83 -6.98
C ARG A 113 -0.42 6.56 -6.19
N LEU A 114 -0.04 7.49 -5.31
CA LEU A 114 -0.98 8.21 -4.42
C LEU A 114 -0.99 9.67 -4.82
N PRO A 115 -1.88 10.06 -5.76
CA PRO A 115 -1.95 11.46 -6.20
C PRO A 115 -2.30 12.35 -5.00
N CYS A 116 -1.79 13.58 -5.04
N CYS A 116 -1.62 13.50 -4.92
CA CYS A 116 -1.79 14.50 -3.88
CA CYS A 116 -1.75 14.51 -3.84
C CYS A 116 -1.74 15.95 -4.35
C CYS A 116 -1.86 15.92 -4.46
N SER A 117 -2.57 16.82 -3.78
CA SER A 117 -2.53 18.28 -4.07
C SER A 117 -1.17 18.83 -3.65
N PHE A 118 -0.76 19.93 -4.25
CA PHE A 118 0.40 20.75 -3.83
C PHE A 118 0.41 20.95 -2.31
N VAL A 119 -0.68 21.48 -1.76
CA VAL A 119 -0.74 21.78 -0.32
C VAL A 119 -0.56 20.49 0.48
N THR A 120 -1.21 19.39 0.10
CA THR A 120 -1.09 18.16 0.94
C THR A 120 0.33 17.58 0.75
N LEU A 121 0.95 17.72 -0.43
CA LEU A 121 2.36 17.28 -0.59
C LEU A 121 3.27 18.05 0.38
N ALA A 122 3.05 19.36 0.50
CA ALA A 122 3.82 20.25 1.37
C ALA A 122 3.59 19.92 2.85
N LEU A 123 2.32 19.71 3.23
CA LEU A 123 1.94 19.33 4.62
C LEU A 123 2.70 18.04 4.97
N LEU A 124 2.45 16.98 4.19
CA LEU A 124 3.07 15.65 4.47
C LEU A 124 4.59 15.86 4.61
N GLY A 125 5.20 16.54 3.65
CA GLY A 125 6.67 16.76 3.68
C GLY A 125 7.08 17.46 4.97
N SER A 126 6.32 18.47 5.40
CA SER A 126 6.62 19.25 6.62
C SER A 126 6.57 18.37 7.86
N TYR A 127 5.65 17.40 7.93
CA TYR A 127 5.58 16.51 9.10
C TYR A 127 6.77 15.54 9.13
N THR A 128 7.10 14.97 7.98
CA THR A 128 8.29 14.10 7.84
C THR A 128 9.56 14.85 8.31
N VAL A 129 9.77 16.06 7.81
CA VAL A 129 10.95 16.88 8.18
C VAL A 129 10.90 17.13 9.70
N GLN A 130 9.74 17.48 10.23
CA GLN A 130 9.62 17.72 11.69
C GLN A 130 10.00 16.47 12.50
N SER A 131 9.50 15.30 12.10
N SER A 131 9.52 15.29 12.08
CA SER A 131 9.75 14.01 12.80
CA SER A 131 9.72 14.00 12.79
C SER A 131 11.26 13.71 12.80
C SER A 131 11.21 13.61 12.78
N GLU A 132 11.87 13.77 11.63
CA GLU A 132 13.26 13.28 11.40
C GLU A 132 14.31 14.33 11.74
N LEU A 133 14.05 15.63 11.53
CA LEU A 133 15.04 16.71 11.86
C LEU A 133 14.71 17.44 13.16
N GLY A 134 13.46 17.36 13.66
CA GLY A 134 13.00 18.15 14.80
C GLY A 134 12.77 19.60 14.41
N ASP A 135 12.84 20.52 15.37
CA ASP A 135 12.42 21.93 15.18
C ASP A 135 13.19 22.59 14.05
N TYR A 136 12.52 23.44 13.27
CA TYR A 136 13.08 24.21 12.15
C TYR A 136 14.28 25.03 12.66
N ASP A 137 15.43 24.94 12.00
CA ASP A 137 16.58 25.86 12.22
C ASP A 137 16.31 27.00 11.23
N PRO A 138 16.16 28.19 11.87
CA PRO A 138 15.92 29.48 11.22
C PRO A 138 17.23 30.16 10.81
N ASP A 139 18.30 29.88 11.55
CA ASP A 139 19.69 30.29 11.19
C ASP A 139 19.97 29.82 9.76
N GLU A 140 19.25 28.79 9.30
CA GLU A 140 19.33 28.26 7.91
C GLU A 140 18.67 29.29 6.98
N CYS A 141 17.51 29.82 7.39
CA CYS A 141 16.81 30.97 6.77
C CYS A 141 17.12 31.08 5.27
N GLY A 142 16.48 30.25 4.45
CA GLY A 142 16.47 30.36 2.98
C GLY A 142 17.23 29.25 2.28
N SER A 143 18.11 28.54 3.02
CA SER A 143 18.97 27.45 2.49
C SER A 143 18.19 26.13 2.45
N ASP A 144 18.83 25.05 1.99
CA ASP A 144 18.16 23.76 1.67
C ASP A 144 18.76 22.62 2.51
N TYR A 145 18.33 22.54 3.78
CA TYR A 145 18.63 21.44 4.73
C TYR A 145 17.74 20.22 4.44
N ILE A 146 16.87 20.32 3.42
CA ILE A 146 15.87 19.28 3.07
C ILE A 146 16.26 18.63 1.73
N SER A 147 17.44 18.96 1.21
CA SER A 147 17.97 18.53 -0.11
C SER A 147 17.78 17.02 -0.33
N GLU A 148 17.78 16.23 0.75
CA GLU A 148 17.81 14.75 0.65
C GLU A 148 16.40 14.17 0.71
N PHE A 149 15.41 14.96 1.17
CA PHE A 149 14.00 14.53 1.30
C PHE A 149 13.31 14.62 -0.06
N ARG A 150 12.72 13.49 -0.46
CA ARG A 150 11.85 13.36 -1.66
C ARG A 150 10.40 13.44 -1.16
N PHE A 151 9.63 14.37 -1.71
CA PHE A 151 8.26 14.70 -1.23
C PHE A 151 7.21 14.46 -2.31
N ALA A 152 7.60 14.32 -3.56
CA ALA A 152 6.63 14.34 -4.66
C ALA A 152 7.23 13.67 -5.88
N PRO A 153 6.37 13.25 -6.82
CA PRO A 153 6.82 12.72 -8.11
C PRO A 153 7.67 13.78 -8.83
N ASN A 154 7.30 15.05 -8.66
CA ASN A 154 7.98 16.20 -9.30
C ASN A 154 8.23 17.28 -8.24
N HIS A 155 9.50 17.60 -8.01
CA HIS A 155 9.88 18.71 -7.10
C HIS A 155 9.88 20.05 -7.84
N THR A 156 9.33 21.07 -7.19
CA THR A 156 9.43 22.48 -7.65
C THR A 156 10.03 23.31 -6.52
N LYS A 157 10.62 24.44 -6.86
CA LYS A 157 11.04 25.40 -5.84
C LYS A 157 9.83 25.80 -4.99
N GLU A 158 8.65 26.01 -5.58
CA GLU A 158 7.49 26.46 -4.79
C GLU A 158 7.13 25.37 -3.74
N LEU A 159 7.24 24.11 -4.11
CA LEU A 159 6.91 23.02 -3.15
C LEU A 159 7.91 23.05 -1.99
N GLU A 160 9.21 23.13 -2.31
CA GLU A 160 10.29 23.19 -1.29
C GLU A 160 10.01 24.35 -0.34
N ASP A 161 9.71 25.53 -0.89
CA ASP A 161 9.39 26.73 -0.08
C ASP A 161 8.22 26.42 0.87
N LYS A 162 7.20 25.73 0.39
CA LYS A 162 5.96 25.52 1.18
C LYS A 162 6.24 24.51 2.30
N VAL A 163 7.02 23.45 2.04
CA VAL A 163 7.44 22.47 3.09
C VAL A 163 8.13 23.28 4.22
N ILE A 164 9.03 24.17 3.85
CA ILE A 164 9.81 24.97 4.83
C ILE A 164 8.87 25.87 5.65
N GLU A 165 7.94 26.58 4.99
CA GLU A 165 7.00 27.49 5.70
C GLU A 165 6.20 26.65 6.73
N LEU A 166 5.67 25.51 6.32
CA LEU A 166 4.90 24.62 7.23
C LEU A 166 5.79 24.00 8.30
N HIS A 167 7.03 23.64 7.97
CA HIS A 167 7.98 23.11 8.97
C HIS A 167 8.14 24.13 10.10
N LYS A 168 8.24 25.41 9.78
CA LYS A 168 8.45 26.46 10.82
C LYS A 168 7.31 26.40 11.84
N SER A 169 6.09 26.06 11.39
CA SER A 169 4.85 26.11 12.21
C SER A 169 4.77 24.92 13.16
N HIS A 170 5.57 23.85 12.98
CA HIS A 170 5.48 22.63 13.82
C HIS A 170 6.44 22.66 15.02
N ARG A 171 7.06 23.80 15.36
CA ARG A 171 8.05 23.87 16.48
C ARG A 171 7.48 23.19 17.73
N GLY A 172 8.25 22.29 18.34
CA GLY A 172 7.91 21.60 19.58
C GLY A 172 7.21 20.29 19.34
N MET A 173 6.97 19.94 18.07
CA MET A 173 6.25 18.68 17.76
C MET A 173 7.21 17.50 17.84
N THR A 174 6.81 16.42 18.51
CA THR A 174 7.64 15.23 18.68
C THR A 174 7.43 14.29 17.49
N PRO A 175 8.32 13.30 17.28
CA PRO A 175 8.26 12.46 16.08
C PRO A 175 6.94 11.67 15.93
N ALA A 176 6.50 10.99 16.98
CA ALA A 176 5.25 10.19 16.89
C ALA A 176 4.11 11.16 16.62
N GLU A 177 4.16 12.34 17.23
CA GLU A 177 3.11 13.36 17.04
C GLU A 177 3.06 13.76 15.56
N ALA A 178 4.21 14.03 14.96
CA ALA A 178 4.38 14.52 13.57
C ALA A 178 3.91 13.41 12.64
N GLU A 179 4.28 12.17 12.94
CA GLU A 179 3.92 11.00 12.10
C GLU A 179 2.42 10.78 12.19
N MET A 180 1.81 10.96 13.37
CA MET A 180 0.35 10.83 13.48
C MET A 180 -0.31 11.92 12.61
N HIS A 181 0.16 13.17 12.61
CA HIS A 181 -0.43 14.25 11.77
C HIS A 181 -0.22 13.93 10.28
N PHE A 182 0.94 13.39 9.92
CA PHE A 182 1.16 12.94 8.52
C PHE A 182 0.03 11.99 8.13
N LEU A 183 -0.21 10.98 8.96
CA LEU A 183 -1.23 9.95 8.67
C LEU A 183 -2.66 10.49 8.72
N GLU A 184 -2.95 11.42 9.62
CA GLU A 184 -4.29 12.06 9.64
C GLU A 184 -4.59 12.75 8.31
N ASN A 185 -3.58 13.37 7.66
CA ASN A 185 -3.76 13.98 6.32
C ASN A 185 -3.85 12.91 5.22
N ALA A 186 -2.88 11.99 5.20
CA ALA A 186 -2.74 11.00 4.11
C ALA A 186 -3.97 10.10 4.04
N LYS A 187 -4.54 9.72 5.19
CA LYS A 187 -5.66 8.74 5.25
C LYS A 187 -6.88 9.31 4.53
N LYS A 188 -6.93 10.62 4.34
CA LYS A 188 -8.10 11.33 3.76
C LYS A 188 -7.98 11.43 2.24
N LEU A 189 -6.82 11.12 1.66
CA LEU A 189 -6.63 11.20 0.19
C LEU A 189 -7.52 10.16 -0.48
N SER A 190 -8.16 10.54 -1.57
CA SER A 190 -9.13 9.67 -2.25
C SER A 190 -8.47 8.36 -2.71
N MET A 191 -7.16 8.30 -2.96
CA MET A 191 -6.48 7.07 -3.42
C MET A 191 -5.69 6.41 -2.28
N TYR A 192 -5.87 6.85 -1.04
CA TYR A 192 -5.15 6.25 0.11
C TYR A 192 -5.46 4.75 0.19
N GLY A 193 -4.41 3.94 0.17
CA GLY A 193 -4.51 2.46 0.31
C GLY A 193 -5.25 1.78 -0.85
N VAL A 194 -5.38 2.43 -1.99
CA VAL A 194 -6.12 1.82 -3.14
C VAL A 194 -5.14 1.10 -4.06
N ASP A 195 -5.30 -0.21 -4.19
CA ASP A 195 -4.54 -1.05 -5.14
C ASP A 195 -5.30 -1.04 -6.48
N LEU A 196 -4.72 -0.46 -7.53
CA LEU A 196 -5.41 -0.21 -8.84
C LEU A 196 -5.07 -1.30 -9.86
N HIS A 197 -6.08 -1.80 -10.58
CA HIS A 197 -5.93 -2.88 -11.59
C HIS A 197 -6.65 -2.49 -12.87
N HIS A 198 -5.93 -2.49 -13.99
CA HIS A 198 -6.50 -2.24 -15.35
C HIS A 198 -7.53 -3.32 -15.63
N ALA A 199 -8.67 -2.93 -16.18
CA ALA A 199 -9.70 -3.92 -16.58
C ALA A 199 -10.59 -3.31 -17.67
N LYS A 200 -11.52 -4.14 -18.17
CA LYS A 200 -12.63 -3.69 -19.06
C LYS A 200 -13.94 -4.15 -18.45
N ASP A 201 -15.03 -3.39 -18.65
CA ASP A 201 -16.37 -3.83 -18.18
C ASP A 201 -16.92 -4.83 -19.21
N SER A 202 -18.15 -5.31 -19.04
CA SER A 202 -18.78 -6.38 -19.86
C SER A 202 -19.04 -5.88 -21.29
N GLU A 203 -19.00 -4.58 -21.51
CA GLU A 203 -19.16 -3.94 -22.85
C GLU A 203 -17.79 -3.62 -23.45
N GLY A 204 -16.69 -4.07 -22.84
CA GLY A 204 -15.31 -3.83 -23.32
C GLY A 204 -14.79 -2.41 -23.10
N VAL A 205 -15.39 -1.59 -22.24
CA VAL A 205 -14.90 -0.21 -21.94
C VAL A 205 -13.76 -0.29 -20.92
N GLU A 206 -12.66 0.44 -21.14
CA GLU A 206 -11.47 0.51 -20.24
C GLU A 206 -11.90 1.16 -18.92
N ILE A 207 -11.56 0.48 -17.83
CA ILE A 207 -11.85 0.94 -16.45
C ILE A 207 -10.65 0.59 -15.59
N MET A 208 -10.63 1.08 -14.35
CA MET A 208 -9.70 0.60 -13.30
C MET A 208 -10.51 0.14 -12.07
N LEU A 209 -10.14 -1.04 -11.53
CA LEU A 209 -10.72 -1.60 -10.32
C LEU A 209 -9.77 -1.26 -9.17
N GLY A 210 -10.29 -0.61 -8.14
CA GLY A 210 -9.48 -0.25 -6.95
C GLY A 210 -9.85 -1.10 -5.78
N VAL A 211 -8.86 -1.71 -5.12
CA VAL A 211 -9.13 -2.60 -3.97
C VAL A 211 -8.68 -1.86 -2.72
N CYS A 212 -9.55 -1.74 -1.74
CA CYS A 212 -9.22 -0.99 -0.49
C CYS A 212 -10.16 -1.44 0.62
N ALA A 213 -9.94 -0.91 1.80
CA ALA A 213 -10.71 -1.24 3.01
C ALA A 213 -12.19 -1.10 2.70
N SER A 214 -12.56 -0.05 1.98
CA SER A 214 -14.01 0.31 1.84
C SER A 214 -14.67 -0.64 0.82
N GLY A 215 -13.90 -1.35 -0.01
CA GLY A 215 -14.50 -2.27 -1.00
C GLY A 215 -13.81 -2.25 -2.33
N LEU A 216 -14.55 -2.65 -3.37
CA LEU A 216 -14.06 -2.61 -4.75
C LEU A 216 -14.56 -1.34 -5.42
N LEU A 217 -13.66 -0.51 -5.89
CA LEU A 217 -14.00 0.77 -6.53
C LEU A 217 -13.89 0.57 -8.03
N ILE A 218 -14.83 1.13 -8.76
CA ILE A 218 -14.74 1.11 -10.24
C ILE A 218 -14.60 2.55 -10.69
N TYR A 219 -13.53 2.82 -11.44
CA TYR A 219 -13.26 4.12 -12.12
C TYR A 219 -13.55 3.94 -13.62
N ARG A 220 -14.81 4.11 -14.03
CA ARG A 220 -15.32 3.83 -15.39
C ARG A 220 -14.87 4.94 -16.34
N ASP A 221 -14.79 6.17 -15.83
CA ASP A 221 -14.13 7.33 -16.49
C ASP A 221 -12.80 7.57 -15.75
N ARG A 222 -12.49 8.82 -15.43
CA ARG A 222 -11.45 9.17 -14.42
C ARG A 222 -12.18 9.62 -13.14
N LEU A 223 -13.44 9.21 -13.02
CA LEU A 223 -14.33 9.41 -11.84
C LEU A 223 -14.54 8.04 -11.16
N ARG A 224 -14.80 8.06 -9.84
CA ARG A 224 -15.04 6.85 -9.01
C ARG A 224 -16.48 6.37 -9.23
N ILE A 225 -16.90 6.30 -10.50
CA ILE A 225 -18.32 6.17 -10.94
C ILE A 225 -19.04 5.07 -10.15
N ASN A 226 -18.36 4.27 -9.31
CA ASN A 226 -19.03 3.20 -8.54
C ASN A 226 -18.14 2.60 -7.45
N ARG A 227 -18.79 1.99 -6.45
CA ARG A 227 -18.15 1.23 -5.34
C ARG A 227 -19.06 0.06 -4.94
N PHE A 228 -18.45 -1.07 -4.63
CA PHE A 228 -19.08 -2.29 -4.06
C PHE A 228 -18.38 -2.51 -2.72
N ALA A 229 -19.04 -2.07 -1.64
CA ALA A 229 -18.56 -2.26 -0.26
C ALA A 229 -18.49 -3.75 0.02
N TRP A 230 -17.46 -4.18 0.76
CA TRP A 230 -17.23 -5.61 1.04
C TRP A 230 -18.51 -6.22 1.61
N PRO A 231 -19.30 -5.49 2.43
CA PRO A 231 -20.58 -6.03 2.93
C PRO A 231 -21.52 -6.51 1.83
N LYS A 232 -21.58 -5.82 0.68
CA LYS A 232 -22.48 -6.18 -0.45
C LYS A 232 -21.94 -7.44 -1.16
N VAL A 233 -20.63 -7.75 -1.04
CA VAL A 233 -19.99 -8.82 -1.87
C VAL A 233 -20.09 -10.17 -1.17
N LEU A 234 -20.74 -11.15 -1.80
CA LEU A 234 -20.86 -12.52 -1.23
C LEU A 234 -19.74 -13.45 -1.73
N LYS A 235 -19.35 -13.32 -3.00
CA LYS A 235 -18.37 -14.26 -3.57
C LYS A 235 -17.61 -13.52 -4.68
N ILE A 236 -16.31 -13.77 -4.69
CA ILE A 236 -15.37 -13.25 -5.71
C ILE A 236 -14.82 -14.48 -6.43
N SER A 237 -14.75 -14.43 -7.74
CA SER A 237 -14.25 -15.58 -8.53
C SER A 237 -13.53 -15.07 -9.77
N TYR A 238 -12.82 -15.98 -10.42
CA TYR A 238 -12.23 -15.69 -11.73
C TYR A 238 -12.38 -16.93 -12.60
N LYS A 239 -12.42 -16.72 -13.89
CA LYS A 239 -12.49 -17.83 -14.86
C LYS A 239 -11.76 -17.32 -16.09
N ARG A 240 -10.69 -17.99 -16.53
CA ARG A 240 -9.93 -17.54 -17.72
C ARG A 240 -9.50 -16.09 -17.43
N ASN A 241 -9.86 -15.12 -18.28
CA ASN A 241 -9.36 -13.72 -18.11
C ASN A 241 -10.47 -12.87 -17.46
N ASN A 242 -11.45 -13.53 -16.85
CA ASN A 242 -12.68 -12.89 -16.35
C ASN A 242 -12.64 -12.92 -14.83
N PHE A 243 -13.10 -11.82 -14.24
CA PHE A 243 -13.27 -11.64 -12.79
C PHE A 243 -14.74 -11.27 -12.55
N TYR A 244 -15.33 -11.85 -11.51
CA TYR A 244 -16.77 -11.72 -11.19
C TYR A 244 -16.92 -11.42 -9.70
N ILE A 245 -17.87 -10.54 -9.38
CA ILE A 245 -18.33 -10.36 -7.97
C ILE A 245 -19.81 -10.72 -7.90
N LYS A 246 -20.16 -11.65 -7.01
CA LYS A 246 -21.57 -11.96 -6.68
C LYS A 246 -22.01 -11.08 -5.52
N ILE A 247 -23.01 -10.24 -5.77
CA ILE A 247 -23.62 -9.28 -4.80
C ILE A 247 -24.91 -9.89 -4.19
N ARG A 248 -25.13 -9.67 -2.89
CA ARG A 248 -26.33 -10.19 -2.21
C ARG A 248 -27.57 -9.54 -2.83
N PRO A 249 -28.72 -10.24 -2.83
CA PRO A 249 -29.97 -9.67 -3.34
C PRO A 249 -30.29 -8.43 -2.49
N GLY A 250 -30.60 -7.31 -3.14
CA GLY A 250 -31.15 -6.10 -2.50
C GLY A 250 -32.40 -6.44 -1.70
N GLU A 251 -32.86 -5.55 -0.82
CA GLU A 251 -34.08 -5.81 -0.02
C GLU A 251 -35.24 -6.06 -0.99
N PHE A 252 -36.04 -7.08 -0.74
CA PHE A 252 -37.24 -7.44 -1.54
C PHE A 252 -36.86 -8.04 -2.90
N GLU A 253 -35.58 -8.08 -3.28
CA GLU A 253 -35.23 -8.64 -4.61
C GLU A 253 -35.20 -10.16 -4.52
N GLN A 254 -35.62 -10.86 -5.57
CA GLN A 254 -35.66 -12.34 -5.57
C GLN A 254 -34.24 -12.92 -5.71
N PHE A 255 -33.38 -12.32 -6.57
CA PHE A 255 -32.11 -13.00 -6.96
C PHE A 255 -30.91 -12.14 -6.60
N GLU A 256 -29.82 -12.83 -6.27
CA GLU A 256 -28.45 -12.27 -6.22
C GLU A 256 -28.12 -11.72 -7.60
N SER A 257 -27.02 -10.97 -7.71
CA SER A 257 -26.48 -10.47 -8.99
C SER A 257 -24.99 -10.82 -9.07
N THR A 258 -24.52 -11.13 -10.27
CA THR A 258 -23.09 -11.39 -10.55
C THR A 258 -22.61 -10.35 -11.54
N ILE A 259 -21.52 -9.62 -11.26
CA ILE A 259 -21.01 -8.55 -12.17
C ILE A 259 -19.63 -9.02 -12.63
N GLY A 260 -19.37 -8.88 -13.93
CA GLY A 260 -18.22 -9.52 -14.63
C GLY A 260 -17.30 -8.49 -15.24
N PHE A 261 -15.97 -8.71 -15.15
CA PHE A 261 -14.94 -7.79 -15.68
C PHE A 261 -13.92 -8.59 -16.50
N LYS A 262 -13.34 -7.95 -17.50
CA LYS A 262 -12.26 -8.54 -18.33
C LYS A 262 -10.92 -7.99 -17.81
N LEU A 263 -9.99 -8.88 -17.49
CA LEU A 263 -8.63 -8.49 -17.04
C LEU A 263 -7.64 -8.74 -18.18
N PRO A 264 -6.46 -8.10 -18.13
CA PRO A 264 -5.44 -8.22 -19.18
C PRO A 264 -5.03 -9.62 -19.60
N ASN A 265 -5.12 -10.58 -18.68
CA ASN A 265 -4.83 -12.03 -18.91
C ASN A 265 -5.29 -12.78 -17.67
N HIS A 266 -5.07 -14.09 -17.65
CA HIS A 266 -5.53 -14.99 -16.56
C HIS A 266 -4.80 -14.70 -15.25
N ARG A 267 -3.48 -14.47 -15.31
CA ARG A 267 -2.69 -14.19 -14.08
C ARG A 267 -3.21 -12.90 -13.42
N ALA A 268 -3.56 -11.89 -14.20
CA ALA A 268 -4.14 -10.61 -13.69
C ALA A 268 -5.53 -10.83 -13.07
N ALA A 269 -6.38 -11.69 -13.63
CA ALA A 269 -7.68 -12.03 -13.01
C ALA A 269 -7.46 -12.73 -11.66
N LYS A 270 -6.50 -13.67 -11.58
CA LYS A 270 -6.27 -14.46 -10.36
C LYS A 270 -5.70 -13.54 -9.28
N ARG A 271 -4.80 -12.64 -9.66
CA ARG A 271 -4.14 -11.70 -8.72
C ARG A 271 -5.19 -10.75 -8.13
N LEU A 272 -6.08 -10.24 -8.97
CA LEU A 272 -7.20 -9.38 -8.49
C LEU A 272 -8.11 -10.16 -7.53
N TRP A 273 -8.53 -11.36 -7.91
CA TRP A 273 -9.32 -12.24 -7.02
C TRP A 273 -8.59 -12.39 -5.69
N LYS A 274 -7.27 -12.65 -5.70
CA LYS A 274 -6.60 -12.98 -4.42
C LYS A 274 -6.59 -11.74 -3.50
N VAL A 275 -6.28 -10.57 -4.04
CA VAL A 275 -6.17 -9.33 -3.20
C VAL A 275 -7.59 -8.92 -2.75
N CYS A 276 -8.61 -9.18 -3.56
CA CYS A 276 -10.01 -8.85 -3.16
C CYS A 276 -10.42 -9.77 -2.01
N VAL A 277 -10.19 -11.06 -2.14
CA VAL A 277 -10.53 -12.05 -1.07
C VAL A 277 -9.79 -11.63 0.20
N GLU A 278 -8.50 -11.27 0.10
CA GLU A 278 -7.70 -10.92 1.30
C GLU A 278 -8.28 -9.66 1.98
N HIS A 279 -8.65 -8.64 1.21
CA HIS A 279 -9.22 -7.38 1.73
C HIS A 279 -10.58 -7.67 2.36
N HIS A 280 -11.40 -8.41 1.64
CA HIS A 280 -12.75 -8.83 2.09
C HIS A 280 -12.63 -9.55 3.43
N THR A 281 -11.68 -10.47 3.61
CA THR A 281 -11.47 -11.14 4.91
C THR A 281 -10.97 -10.12 5.94
N PHE A 282 -9.88 -9.44 5.64
CA PHE A 282 -9.21 -8.62 6.67
C PHE A 282 -10.14 -7.54 7.21
N PHE A 283 -10.88 -6.91 6.28
CA PHE A 283 -11.71 -5.69 6.50
C PHE A 283 -13.21 -6.02 6.56
N ARG A 284 -13.55 -7.29 6.69
CA ARG A 284 -14.97 -7.75 6.80
C ARG A 284 -15.60 -7.14 8.06
N LEU A 285 -16.89 -6.83 7.99
CA LEU A 285 -17.77 -6.58 9.16
C LEU A 285 -17.75 -7.81 10.05
N LEU A 286 -17.55 -7.65 11.36
CA LEU A 286 -17.43 -8.79 12.31
C LEU A 286 -18.74 -8.99 13.07
N1 WHG B . 11.79 -7.23 -5.92
C4 WHG B . 9.43 -7.21 -5.33
C5 WHG B . 7.55 -5.21 -6.96
C6 WHG B . 7.13 -6.39 -7.67
C7 WHG B . 6.69 -5.94 -8.90
N WHG B . 9.48 -5.74 -5.37
C WHG B . 8.07 -5.14 -5.53
O WHG B . 6.81 -4.57 -8.97
C1 WHG B . 10.43 -5.25 -6.44
C2 WHG B . 11.84 -5.75 -6.08
C3 WHG B . 10.84 -7.66 -4.94
N2 WHG B . 7.35 -4.13 -7.78
S DMS C . 11.68 1.02 -1.88
O DMS C . 10.93 1.78 -0.79
C1 DMS C . 10.96 1.49 -3.44
C2 DMS C . 13.21 1.86 -2.07
S DMS D . -11.27 5.86 0.15
O DMS D . -11.25 7.35 -0.01
C1 DMS D . -9.57 5.35 0.12
C2 DMS D . -11.76 5.22 -1.42
C1 EDO E . 3.75 3.05 22.09
O1 EDO E . 4.33 2.93 20.80
C2 EDO E . 3.08 4.35 22.30
O2 EDO E . 2.08 4.67 21.32
C1 EDO F . 3.59 -0.74 -3.82
O1 EDO F . 4.97 -0.78 -3.60
C2 EDO F . 2.85 -1.43 -2.76
O2 EDO F . 3.24 -2.75 -2.56
C1 EDO G . -1.01 2.54 -9.01
O1 EDO G . -0.78 1.37 -9.75
C2 EDO G . -1.56 2.31 -7.64
O2 EDO G . -2.26 1.09 -7.45
C1 EDO H . 13.79 10.00 0.57
O1 EDO H . 14.64 11.13 0.47
C2 EDO H . 12.55 10.26 1.35
O2 EDO H . 11.35 10.14 0.61
C1 EDO I . 3.03 -17.43 -19.79
O1 EDO I . 4.37 -17.80 -20.06
C2 EDO I . 2.88 -16.54 -18.61
O2 EDO I . 2.34 -17.21 -17.48
C1 EDO J . -0.75 2.16 -3.04
O1 EDO J . 0.27 1.36 -3.59
C2 EDO J . -1.78 1.36 -2.35
O2 EDO J . -1.75 -0.01 -2.77
#